data_5TDI
#
_entry.id   5TDI
#
_cell.length_a   45.249
_cell.length_b   54.620
_cell.length_c   80.300
_cell.angle_alpha   90.00
_cell.angle_beta   90.00
_cell.angle_gamma   90.00
#
_symmetry.space_group_name_H-M   'P 21 21 21'
#
loop_
_entity.id
_entity.type
_entity.pdbx_description
1 polymer 'Cathepsin K'
2 non-polymer "4-fluoro-N-{1-[(Z)-iminomethyl]cyclopropyl}-N~2~-{(1S)-2,2,2-trifluoro-1-[4'-(methylsulfonyl)[1,1'-biphenyl]-4-yl]ethyl }-L-leucinamide"
3 water water
#
_entity_poly.entity_id   1
_entity_poly.type   'polypeptide(L)'
_entity_poly.pdbx_seq_one_letter_code
;APDSVDYRKKGYVTPVKNQGQCGSCWAFSSVGALEGQLKKKTGKLLNLAPQNLVDCVSENDGCGGGYMTNAFQYVQKNRG
IDSEDAYPYVGQEESCMYNPTGKAAKCRGYREIPEGNEKALKRAVARVGPVSVAIDASLTSFQFYSKGVYYDESCNSDNL
NHAVLAVGYGIQKGNKHWIIKNSWGENWGNKGYILMARNKNNACGIANLASFPKM
;
_entity_poly.pdbx_strand_id   A
#
# COMPACT_ATOMS: atom_id res chain seq x y z
N ALA A 1 -1.02 16.67 13.78
CA ALA A 1 -1.61 15.36 13.52
C ALA A 1 -2.41 14.86 14.72
N PRO A 2 -3.50 14.12 14.46
CA PRO A 2 -4.28 13.50 15.54
C PRO A 2 -3.49 12.38 16.21
N ASP A 3 -3.87 12.02 17.44
CA ASP A 3 -3.23 10.91 18.13
C ASP A 3 -3.49 9.59 17.43
N SER A 4 -4.65 9.50 16.77
CA SER A 4 -4.98 8.29 16.01
C SER A 4 -5.79 8.61 14.75
N VAL A 5 -5.62 7.78 13.73
CA VAL A 5 -6.29 7.92 12.46
C VAL A 5 -6.59 6.51 11.94
N ASP A 6 -7.77 6.31 11.37
CA ASP A 6 -8.09 5.03 10.75
C ASP A 6 -8.95 5.31 9.53
N TYR A 7 -8.36 5.24 8.35
CA TYR A 7 -9.08 5.57 7.13
C TYR A 7 -10.16 4.57 6.75
N ARG A 8 -10.15 3.39 7.35
CA ARG A 8 -11.25 2.45 7.15
C ARG A 8 -12.56 3.07 7.67
N LYS A 9 -12.45 3.85 8.75
CA LYS A 9 -13.62 4.47 9.37
C LYS A 9 -14.22 5.58 8.51
N LYS A 10 -13.42 6.12 7.59
CA LYS A 10 -13.87 7.18 6.67
C LYS A 10 -14.28 6.61 5.32
N GLY A 11 -14.22 5.29 5.16
CA GLY A 11 -14.61 4.68 3.90
C GLY A 11 -13.61 4.90 2.77
N TYR A 12 -12.34 5.10 3.13
CA TYR A 12 -11.29 5.35 2.13
C TYR A 12 -10.59 4.06 1.67
N VAL A 13 -10.99 2.91 2.21
CA VAL A 13 -10.22 1.68 2.00
C VAL A 13 -11.10 0.56 1.45
N THR A 14 -10.67 -0.02 0.34
CA THR A 14 -11.40 -1.11 -0.31
C THR A 14 -11.13 -2.43 0.43
N PRO A 15 -11.89 -3.48 0.12
CA PRO A 15 -11.63 -4.74 0.83
C PRO A 15 -10.23 -5.29 0.58
N VAL A 16 -9.78 -6.11 1.51
CA VAL A 16 -8.50 -6.78 1.39
C VAL A 16 -8.51 -7.72 0.18
N LYS A 17 -7.42 -7.68 -0.58
CA LYS A 17 -7.24 -8.49 -1.77
C LYS A 17 -6.22 -9.59 -1.49
N ASN A 18 -6.12 -10.53 -2.43
CA ASN A 18 -5.14 -11.60 -2.34
C ASN A 18 -4.34 -11.63 -3.62
N GLN A 19 -3.07 -11.26 -3.53
CA GLN A 19 -2.19 -11.23 -4.70
C GLN A 19 -1.87 -12.61 -5.27
N GLY A 20 -2.08 -13.65 -4.47
CA GLY A 20 -1.79 -14.99 -4.93
C GLY A 20 -0.29 -15.21 -5.07
N GLN A 21 0.10 -16.04 -6.02
CA GLN A 21 1.50 -16.42 -6.17
C GLN A 21 2.33 -15.40 -6.96
N CYS A 22 1.67 -14.40 -7.50
CA CYS A 22 2.35 -13.35 -8.26
C CYS A 22 2.99 -12.34 -7.30
N GLY A 23 4.23 -11.93 -7.58
CA GLY A 23 4.92 -10.94 -6.76
C GLY A 23 4.47 -9.52 -7.04
N SER A 24 3.19 -9.26 -6.83
CA SER A 24 2.57 -8.00 -7.20
C SER A 24 2.18 -7.13 -6.00
N CYS A 25 2.83 -7.37 -4.87
CA CYS A 25 2.54 -6.61 -3.65
C CYS A 25 2.60 -5.11 -3.95
N TRP A 26 3.58 -4.71 -4.73
CA TRP A 26 3.78 -3.31 -5.06
C TRP A 26 2.57 -2.73 -5.82
N ALA A 27 1.93 -3.54 -6.64
CA ALA A 27 0.76 -3.11 -7.41
C ALA A 27 -0.44 -2.96 -6.49
N PHE A 28 -0.60 -3.88 -5.55
CA PHE A 28 -1.68 -3.74 -4.56
C PHE A 28 -1.49 -2.55 -3.64
N SER A 29 -0.26 -2.33 -3.20
CA SER A 29 0.04 -1.17 -2.37
C SER A 29 -0.25 0.11 -3.14
N SER A 30 0.19 0.16 -4.39
CA SER A 30 -0.03 1.32 -5.23
C SER A 30 -1.51 1.62 -5.47
N VAL A 31 -2.29 0.61 -5.84
CA VAL A 31 -3.70 0.85 -6.05
C VAL A 31 -4.40 1.25 -4.75
N GLY A 32 -3.95 0.72 -3.61
CA GLY A 32 -4.55 1.09 -2.34
C GLY A 32 -4.41 2.58 -2.06
N ALA A 33 -3.20 3.08 -2.31
CA ALA A 33 -2.92 4.51 -2.13
C ALA A 33 -3.73 5.34 -3.11
N LEU A 34 -3.80 4.89 -4.37
CA LEU A 34 -4.60 5.60 -5.37
C LEU A 34 -6.10 5.58 -5.02
N GLU A 35 -6.59 4.44 -4.54
CA GLU A 35 -7.98 4.32 -4.10
C GLU A 35 -8.33 5.31 -3.00
N GLY A 36 -7.43 5.50 -2.04
CA GLY A 36 -7.65 6.44 -0.96
C GLY A 36 -7.77 7.86 -1.49
N GLN A 37 -6.89 8.23 -2.40
CA GLN A 37 -6.91 9.57 -2.96
C GLN A 37 -8.13 9.79 -3.84
N LEU A 38 -8.53 8.76 -4.59
CA LEU A 38 -9.71 8.86 -5.45
C LEU A 38 -10.96 9.12 -4.61
N LYS A 39 -11.08 8.38 -3.50
CA LYS A 39 -12.22 8.55 -2.60
C LYS A 39 -12.22 9.94 -1.99
N LYS A 40 -11.05 10.40 -1.55
CA LYS A 40 -10.93 11.72 -0.93
C LYS A 40 -11.34 12.84 -1.90
N LYS A 41 -10.89 12.72 -3.15
CA LYS A 41 -11.13 13.77 -4.16
C LYS A 41 -12.53 13.73 -4.75
N THR A 42 -13.03 12.54 -5.07
CA THR A 42 -14.23 12.42 -5.88
C THR A 42 -15.41 11.82 -5.14
N GLY A 43 -15.18 11.28 -3.95
CA GLY A 43 -16.24 10.62 -3.20
C GLY A 43 -16.49 9.18 -3.58
N LYS A 44 -15.75 8.69 -4.58
CA LYS A 44 -15.96 7.32 -5.05
C LYS A 44 -14.95 6.33 -4.47
N LEU A 45 -15.45 5.28 -3.83
CA LEU A 45 -14.60 4.17 -3.42
C LEU A 45 -14.78 3.01 -4.41
N LEU A 46 -13.71 2.67 -5.08
CA LEU A 46 -13.74 1.55 -6.02
C LEU A 46 -12.41 0.84 -6.14
N ASN A 47 -12.48 -0.44 -6.49
CA ASN A 47 -11.28 -1.22 -6.72
C ASN A 47 -10.58 -0.75 -7.99
N LEU A 48 -9.34 -0.27 -7.85
CA LEU A 48 -8.53 0.02 -9.02
C LEU A 48 -7.75 -1.24 -9.44
N ALA A 49 -7.20 -1.24 -10.65
CA ALA A 49 -6.67 -2.46 -11.27
C ALA A 49 -5.17 -2.70 -11.04
N PRO A 50 -4.82 -3.57 -10.07
CA PRO A 50 -3.38 -3.89 -9.96
C PRO A 50 -2.83 -4.56 -11.23
N GLN A 51 -3.67 -5.29 -11.97
CA GLN A 51 -3.24 -5.94 -13.20
C GLN A 51 -2.73 -4.94 -14.24
N ASN A 52 -3.38 -3.78 -14.30
CA ASN A 52 -2.99 -2.69 -15.17
C ASN A 52 -1.53 -2.32 -14.88
N LEU A 53 -1.18 -2.28 -13.60
CA LEU A 53 0.18 -1.91 -13.21
C LEU A 53 1.17 -3.05 -13.50
N VAL A 54 0.79 -4.27 -13.14
CA VAL A 54 1.64 -5.44 -13.39
C VAL A 54 2.03 -5.54 -14.86
N ASP A 55 1.07 -5.31 -15.75
CA ASP A 55 1.28 -5.52 -17.18
C ASP A 55 1.95 -4.34 -17.89
N CYS A 56 1.76 -3.14 -17.35
CA CYS A 56 2.07 -1.93 -18.11
C CYS A 56 3.21 -1.07 -17.58
N VAL A 57 3.59 -1.27 -16.32
CA VAL A 57 4.72 -0.51 -15.76
C VAL A 57 6.03 -1.17 -16.18
N SER A 58 6.64 -0.64 -17.24
CA SER A 58 7.81 -1.28 -17.83
C SER A 58 9.05 -1.22 -16.94
N GLU A 59 9.09 -0.27 -16.02
CA GLU A 59 10.23 -0.16 -15.11
C GLU A 59 10.06 -1.00 -13.85
N ASN A 60 8.96 -1.73 -13.78
CA ASN A 60 8.83 -2.78 -12.77
C ASN A 60 8.96 -4.15 -13.43
N ASP A 61 8.84 -5.22 -12.65
CA ASP A 61 9.14 -6.56 -13.15
C ASP A 61 7.93 -7.49 -13.08
N GLY A 62 6.73 -6.92 -13.19
CA GLY A 62 5.52 -7.73 -13.22
C GLY A 62 5.39 -8.54 -11.95
N CYS A 63 5.27 -9.85 -12.08
CA CYS A 63 5.18 -10.74 -10.94
C CYS A 63 6.55 -10.98 -10.29
N GLY A 64 7.60 -10.39 -10.84
CA GLY A 64 8.92 -10.45 -10.24
C GLY A 64 9.16 -9.37 -9.20
N GLY A 65 8.24 -8.43 -9.08
CA GLY A 65 8.36 -7.36 -8.10
C GLY A 65 8.45 -5.99 -8.73
N GLY A 66 8.50 -4.96 -7.90
CA GLY A 66 8.47 -3.60 -8.40
C GLY A 66 8.41 -2.55 -7.30
N TYR A 67 8.49 -1.29 -7.73
CA TYR A 67 8.38 -0.13 -6.84
C TYR A 67 7.05 0.60 -7.05
N MET A 68 6.47 1.06 -5.94
CA MET A 68 5.24 1.85 -5.98
C MET A 68 5.44 3.18 -6.72
N THR A 69 6.59 3.82 -6.53
CA THR A 69 6.83 5.10 -7.20
C THR A 69 6.81 4.94 -8.73
N ASN A 70 7.31 3.80 -9.23
CA ASN A 70 7.26 3.55 -10.67
C ASN A 70 5.81 3.43 -11.14
N ALA A 71 4.96 2.84 -10.29
CA ALA A 71 3.56 2.70 -10.63
C ALA A 71 2.86 4.06 -10.67
N PHE A 72 3.14 4.91 -9.70
CA PHE A 72 2.52 6.25 -9.68
C PHE A 72 2.98 7.03 -10.91
N GLN A 73 4.27 6.96 -11.21
CA GLN A 73 4.81 7.65 -12.36
C GLN A 73 4.15 7.17 -13.65
N TYR A 74 3.91 5.86 -13.75
CA TYR A 74 3.23 5.31 -14.91
C TYR A 74 1.82 5.87 -15.05
N VAL A 75 1.06 5.87 -13.96
CA VAL A 75 -0.31 6.33 -14.03
C VAL A 75 -0.36 7.79 -14.50
N GLN A 76 0.57 8.60 -13.99
CA GLN A 76 0.68 10.00 -14.39
C GLN A 76 0.97 10.13 -15.88
N LYS A 77 2.02 9.45 -16.33
CA LYS A 77 2.45 9.51 -17.72
C LYS A 77 1.40 8.92 -18.67
N ASN A 78 0.72 7.87 -18.21
CA ASN A 78 -0.31 7.18 -18.99
C ASN A 78 -1.62 7.97 -19.04
N ARG A 79 -1.73 8.97 -18.17
CA ARG A 79 -2.96 9.77 -18.03
C ARG A 79 -4.14 8.95 -17.50
N GLY A 80 -3.85 7.87 -16.78
CA GLY A 80 -4.91 7.11 -16.15
C GLY A 80 -4.57 5.71 -15.70
N ILE A 81 -5.43 5.16 -14.85
CA ILE A 81 -5.40 3.75 -14.48
C ILE A 81 -6.83 3.22 -14.55
N ASP A 82 -6.97 1.98 -15.04
CA ASP A 82 -8.28 1.36 -15.17
C ASP A 82 -8.82 0.89 -13.83
N SER A 83 -10.14 0.70 -13.77
CA SER A 83 -10.75 0.03 -12.64
C SER A 83 -10.45 -1.46 -12.69
N GLU A 84 -10.52 -2.11 -11.53
CA GLU A 84 -10.45 -3.57 -11.45
C GLU A 84 -11.48 -4.22 -12.37
N ASP A 85 -12.70 -3.69 -12.36
CA ASP A 85 -13.76 -4.26 -13.16
C ASP A 85 -13.42 -4.26 -14.65
N ALA A 86 -12.75 -3.21 -15.10
CA ALA A 86 -12.40 -3.05 -16.52
C ALA A 86 -11.10 -3.77 -16.93
N TYR A 87 -10.26 -4.08 -15.96
CA TYR A 87 -8.98 -4.72 -16.23
C TYR A 87 -8.69 -5.66 -15.06
N PRO A 88 -9.35 -6.83 -15.04
CA PRO A 88 -9.35 -7.69 -13.85
C PRO A 88 -8.00 -8.36 -13.55
N TYR A 89 -7.77 -8.63 -12.27
CA TYR A 89 -6.55 -9.28 -11.82
C TYR A 89 -6.60 -10.78 -12.14
N VAL A 90 -5.59 -11.28 -12.85
CA VAL A 90 -5.56 -12.69 -13.20
C VAL A 90 -4.42 -13.45 -12.52
N GLY A 91 -3.59 -12.74 -11.76
CA GLY A 91 -2.57 -13.41 -10.96
C GLY A 91 -1.32 -13.84 -11.70
N GLN A 92 -1.15 -13.35 -12.93
CA GLN A 92 0.11 -13.47 -13.66
C GLN A 92 0.20 -12.32 -14.65
N GLU A 93 1.40 -12.02 -15.12
CA GLU A 93 1.57 -10.91 -16.05
C GLU A 93 0.98 -11.22 -17.43
N GLU A 94 0.21 -10.27 -17.95
CA GLU A 94 -0.31 -10.33 -19.30
C GLU A 94 0.36 -9.25 -20.14
N SER A 95 0.06 -9.25 -21.44
CA SER A 95 0.39 -8.10 -22.28
C SER A 95 -0.37 -6.89 -21.75
N CYS A 96 0.16 -5.69 -21.98
CA CYS A 96 -0.53 -4.49 -21.52
C CYS A 96 -1.86 -4.29 -22.24
N MET A 97 -2.93 -4.30 -21.46
CA MET A 97 -4.28 -4.22 -22.01
C MET A 97 -4.99 -2.96 -21.55
N TYR A 98 -4.24 -1.90 -21.26
CA TYR A 98 -4.85 -0.65 -20.80
C TYR A 98 -5.82 -0.08 -21.82
N ASN A 99 -6.97 0.37 -21.34
CA ASN A 99 -7.99 0.96 -22.20
C ASN A 99 -8.47 2.25 -21.56
N PRO A 100 -8.33 3.38 -22.27
CA PRO A 100 -8.75 4.64 -21.65
C PRO A 100 -10.25 4.69 -21.33
N THR A 101 -11.07 3.87 -22.00
CA THR A 101 -12.50 3.87 -21.72
C THR A 101 -12.82 3.40 -20.30
N GLY A 102 -11.95 2.54 -19.75
CA GLY A 102 -12.14 2.04 -18.40
C GLY A 102 -11.42 2.84 -17.33
N LYS A 103 -10.91 4.01 -17.71
CA LYS A 103 -10.17 4.87 -16.76
C LYS A 103 -11.02 5.21 -15.54
N ALA A 104 -10.43 5.08 -14.35
CA ALA A 104 -11.17 5.34 -13.11
C ALA A 104 -10.42 6.29 -12.17
N ALA A 105 -9.14 6.51 -12.43
CA ALA A 105 -8.37 7.45 -11.62
C ALA A 105 -7.19 8.01 -12.42
N LYS A 106 -6.70 9.16 -11.98
CA LYS A 106 -5.51 9.76 -12.55
C LYS A 106 -4.50 10.03 -11.46
N CYS A 107 -3.28 10.35 -11.87
CA CYS A 107 -2.21 10.65 -10.94
C CYS A 107 -1.43 11.86 -11.44
N ARG A 108 -1.12 12.79 -10.53
CA ARG A 108 -0.41 14.00 -10.90
C ARG A 108 1.00 14.02 -10.33
N GLY A 109 1.52 12.84 -10.02
CA GLY A 109 2.86 12.71 -9.48
C GLY A 109 2.84 11.99 -8.15
N TYR A 110 3.95 12.06 -7.43
CA TYR A 110 4.02 11.37 -6.17
C TYR A 110 4.98 12.08 -5.22
N ARG A 111 4.93 11.71 -3.95
N ARG A 111 4.96 11.65 -3.97
CA ARG A 111 5.84 12.24 -2.95
CA ARG A 111 5.83 12.23 -2.96
C ARG A 111 6.44 11.11 -2.14
C ARG A 111 6.43 11.11 -2.11
N GLU A 112 7.69 11.29 -1.71
CA GLU A 112 8.36 10.32 -0.85
C GLU A 112 8.51 10.87 0.55
N ILE A 113 8.23 10.03 1.54
CA ILE A 113 8.46 10.36 2.94
C ILE A 113 9.97 10.36 3.15
N PRO A 114 10.51 11.37 3.85
CA PRO A 114 11.94 11.38 4.21
C PRO A 114 12.34 10.06 4.85
N GLU A 115 13.40 9.44 4.36
CA GLU A 115 13.76 8.08 4.76
C GLU A 115 13.96 7.95 6.27
N GLY A 116 13.28 6.98 6.87
CA GLY A 116 13.47 6.65 8.27
C GLY A 116 12.64 7.47 9.23
N ASN A 117 11.92 8.46 8.72
CA ASN A 117 11.22 9.41 9.58
C ASN A 117 9.76 9.02 9.83
N GLU A 118 9.51 8.40 10.98
CA GLU A 118 8.18 7.93 11.32
C GLU A 118 7.24 9.08 11.67
N LYS A 119 7.79 10.19 12.14
CA LYS A 119 6.97 11.35 12.44
C LYS A 119 6.43 11.93 11.14
N ALA A 120 7.28 11.99 10.13
CA ALA A 120 6.88 12.46 8.81
C ALA A 120 5.87 11.50 8.19
N LEU A 121 6.06 10.20 8.40
CA LEU A 121 5.10 9.22 7.92
C LEU A 121 3.74 9.43 8.58
N LYS A 122 3.74 9.67 9.88
CA LYS A 122 2.50 9.94 10.62
C LYS A 122 1.82 11.18 10.07
N ARG A 123 2.59 12.25 9.88
CA ARG A 123 2.05 13.49 9.32
C ARG A 123 1.45 13.24 7.94
N ALA A 124 2.13 12.44 7.12
CA ALA A 124 1.64 12.14 5.79
C ALA A 124 0.33 11.37 5.85
N VAL A 125 0.28 10.34 6.69
CA VAL A 125 -0.95 9.57 6.82
C VAL A 125 -2.09 10.49 7.27
N ALA A 126 -1.83 11.35 8.25
CA ALA A 126 -2.86 12.25 8.78
C ALA A 126 -3.38 13.24 7.73
N ARG A 127 -2.47 13.82 6.95
CA ARG A 127 -2.82 14.89 6.01
C ARG A 127 -3.31 14.40 4.65
N VAL A 128 -2.79 13.26 4.21
CA VAL A 128 -3.03 12.81 2.85
C VAL A 128 -4.07 11.71 2.78
N GLY A 129 -3.84 10.63 3.52
CA GLY A 129 -4.64 9.44 3.36
C GLY A 129 -3.71 8.25 3.47
N PRO A 130 -4.19 7.06 3.09
CA PRO A 130 -3.33 5.87 3.12
C PRO A 130 -2.04 6.07 2.33
N VAL A 131 -0.93 5.61 2.90
CA VAL A 131 0.39 5.78 2.31
C VAL A 131 1.01 4.41 1.98
N SER A 132 1.63 4.28 0.80
CA SER A 132 2.31 3.04 0.44
C SER A 132 3.60 2.92 1.24
N VAL A 133 3.83 1.76 1.84
CA VAL A 133 5.07 1.55 2.60
C VAL A 133 5.70 0.19 2.27
N ALA A 134 7.01 0.12 2.47
CA ALA A 134 7.78 -1.10 2.28
C ALA A 134 8.28 -1.61 3.62
N ILE A 135 8.26 -2.93 3.80
CA ILE A 135 8.70 -3.55 5.04
C ILE A 135 9.47 -4.82 4.77
N ASP A 136 10.19 -5.30 5.79
CA ASP A 136 10.67 -6.67 5.81
C ASP A 136 9.53 -7.53 6.35
N ALA A 137 8.92 -8.32 5.47
CA ALA A 137 7.79 -9.19 5.85
C ALA A 137 8.20 -10.65 5.74
N SER A 138 9.49 -10.92 5.81
CA SER A 138 10.03 -12.26 5.58
C SER A 138 9.96 -13.21 6.78
N LEU A 139 9.71 -12.67 7.98
CA LEU A 139 9.83 -13.47 9.19
C LEU A 139 8.59 -14.33 9.45
N THR A 140 8.78 -15.52 10.01
CA THR A 140 7.66 -16.36 10.38
C THR A 140 6.71 -15.64 11.35
N SER A 141 7.27 -14.82 12.24
CA SER A 141 6.43 -14.05 13.15
C SER A 141 5.41 -13.18 12.41
N PHE A 142 5.80 -12.62 11.27
CA PHE A 142 4.90 -11.83 10.46
C PHE A 142 3.85 -12.74 9.81
N GLN A 143 4.30 -13.86 9.25
CA GLN A 143 3.38 -14.83 8.67
C GLN A 143 2.30 -15.25 9.65
N PHE A 144 2.68 -15.47 10.90
CA PHE A 144 1.77 -15.98 11.92
C PHE A 144 1.10 -14.90 12.77
N TYR A 145 1.21 -13.63 12.37
CA TYR A 145 0.57 -12.57 13.14
C TYR A 145 -0.93 -12.79 13.33
N SER A 146 -1.41 -12.55 14.54
CA SER A 146 -2.84 -12.66 14.79
C SER A 146 -3.42 -11.45 15.51
N LYS A 147 -2.79 -11.07 16.63
CA LYS A 147 -3.28 -9.95 17.45
C LYS A 147 -2.15 -9.12 18.04
N GLY A 148 -2.52 -7.99 18.63
CA GLY A 148 -1.57 -7.14 19.32
C GLY A 148 -0.76 -6.30 18.35
N VAL A 149 0.27 -5.66 18.88
CA VAL A 149 1.14 -4.83 18.05
C VAL A 149 2.40 -5.61 17.70
N TYR A 150 2.62 -5.83 16.41
CA TYR A 150 3.72 -6.65 15.94
C TYR A 150 5.08 -6.01 16.09
N TYR A 151 5.97 -6.74 16.74
CA TYR A 151 7.37 -6.35 16.82
C TYR A 151 8.26 -7.58 16.91
N ASP A 152 9.29 -7.61 16.07
CA ASP A 152 10.27 -8.69 16.07
C ASP A 152 11.64 -8.05 15.94
N GLU A 153 12.51 -8.26 16.93
CA GLU A 153 13.85 -7.66 16.91
C GLU A 153 14.69 -8.11 15.70
N SER A 154 14.31 -9.23 15.07
CA SER A 154 15.04 -9.72 13.92
C SER A 154 14.62 -9.06 12.61
N CYS A 155 13.60 -8.21 12.66
CA CYS A 155 13.19 -7.53 11.44
C CYS A 155 14.33 -6.66 10.96
N ASN A 156 14.62 -6.73 9.66
CA ASN A 156 15.79 -6.08 9.11
C ASN A 156 15.44 -5.08 8.01
N SER A 157 15.71 -3.80 8.26
CA SER A 157 15.36 -2.72 7.34
C SER A 157 16.20 -2.72 6.05
N ASP A 158 17.30 -3.48 6.04
CA ASP A 158 18.07 -3.67 4.82
C ASP A 158 17.40 -4.70 3.91
N ASN A 159 16.43 -5.42 4.47
CA ASN A 159 15.72 -6.45 3.73
C ASN A 159 14.28 -6.03 3.46
N LEU A 160 14.10 -4.87 2.83
CA LEU A 160 12.76 -4.44 2.43
C LEU A 160 12.34 -5.33 1.28
N ASN A 161 11.28 -6.12 1.48
CA ASN A 161 10.91 -7.10 0.48
C ASN A 161 9.43 -7.17 0.16
N HIS A 162 8.62 -6.35 0.84
CA HIS A 162 7.18 -6.45 0.69
C HIS A 162 6.54 -5.08 0.80
N ALA A 163 5.54 -4.86 -0.05
CA ALA A 163 4.83 -3.57 -0.11
C ALA A 163 3.46 -3.75 0.48
N VAL A 164 3.07 -2.83 1.36
CA VAL A 164 1.77 -2.84 2.02
C VAL A 164 1.23 -1.41 2.07
N LEU A 165 0.14 -1.19 2.81
CA LEU A 165 -0.52 0.11 2.82
C LEU A 165 -0.80 0.54 4.25
N ALA A 166 -0.26 1.70 4.63
CA ALA A 166 -0.53 2.26 5.95
C ALA A 166 -1.82 3.04 5.86
N VAL A 167 -2.89 2.53 6.48
CA VAL A 167 -4.20 3.18 6.44
C VAL A 167 -4.54 3.95 7.70
N GLY A 168 -3.62 3.98 8.63
CA GLY A 168 -3.85 4.68 9.87
C GLY A 168 -2.77 4.39 10.87
N TYR A 169 -3.00 4.87 12.09
CA TYR A 169 -2.07 4.67 13.19
C TYR A 169 -2.81 4.95 14.48
N GLY A 170 -2.23 4.51 15.57
CA GLY A 170 -2.83 4.79 16.86
C GLY A 170 -2.06 4.12 17.96
N ILE A 171 -2.79 3.70 18.98
CA ILE A 171 -2.17 3.11 20.14
C ILE A 171 -3.09 2.02 20.69
N GLN A 172 -2.50 0.92 21.09
CA GLN A 172 -3.26 -0.16 21.69
C GLN A 172 -2.60 -0.59 23.00
N LYS A 173 -3.28 -0.34 24.10
CA LYS A 173 -2.79 -0.71 25.43
C LYS A 173 -1.40 -0.16 25.68
N GLY A 174 -1.19 1.08 25.25
CA GLY A 174 0.08 1.76 25.48
C GLY A 174 1.10 1.51 24.38
N ASN A 175 0.78 0.62 23.45
CA ASN A 175 1.69 0.31 22.36
C ASN A 175 1.31 1.03 21.07
N LYS A 176 2.15 1.98 20.65
CA LYS A 176 1.89 2.72 19.42
C LYS A 176 2.07 1.85 18.19
N HIS A 177 1.19 2.05 17.21
CA HIS A 177 1.20 1.20 16.04
C HIS A 177 0.82 1.93 14.77
N TRP A 178 1.12 1.26 13.66
CA TRP A 178 0.63 1.60 12.32
C TRP A 178 -0.42 0.59 11.97
N ILE A 179 -1.50 1.03 11.32
CA ILE A 179 -2.52 0.11 10.85
C ILE A 179 -2.21 -0.22 9.40
N ILE A 180 -1.92 -1.49 9.14
CA ILE A 180 -1.38 -1.90 7.86
C ILE A 180 -2.30 -2.87 7.12
N LYS A 181 -2.68 -2.49 5.90
CA LYS A 181 -3.45 -3.36 5.02
C LYS A 181 -2.50 -4.18 4.16
N ASN A 182 -2.63 -5.51 4.21
CA ASN A 182 -1.79 -6.40 3.42
C ASN A 182 -2.61 -6.90 2.22
N SER A 183 -1.98 -7.66 1.33
CA SER A 183 -2.65 -8.22 0.16
C SER A 183 -2.46 -9.74 0.11
N TRP A 184 -2.59 -10.38 1.27
CA TRP A 184 -2.44 -11.82 1.41
C TRP A 184 -3.80 -12.46 1.74
N GLY A 185 -4.88 -11.78 1.39
CA GLY A 185 -6.21 -12.31 1.64
C GLY A 185 -6.70 -12.03 3.05
N GLU A 186 -7.97 -12.31 3.31
CA GLU A 186 -8.55 -11.98 4.61
C GLU A 186 -8.28 -13.03 5.69
N ASN A 187 -7.78 -14.19 5.30
CA ASN A 187 -7.47 -15.23 6.27
C ASN A 187 -6.07 -15.11 6.85
N TRP A 188 -5.33 -14.11 6.39
CA TRP A 188 -4.05 -13.80 6.99
C TRP A 188 -4.23 -12.67 8.01
N GLY A 189 -3.47 -12.74 9.10
CA GLY A 189 -3.45 -11.67 10.09
C GLY A 189 -4.80 -11.49 10.73
N ASN A 190 -5.17 -10.23 10.98
CA ASN A 190 -6.48 -9.92 11.52
C ASN A 190 -7.35 -9.44 10.35
N LYS A 191 -8.08 -10.38 9.73
CA LYS A 191 -8.87 -10.07 8.53
C LYS A 191 -8.07 -9.33 7.47
N GLY A 192 -6.80 -9.68 7.34
CA GLY A 192 -5.96 -9.16 6.28
C GLY A 192 -5.11 -7.99 6.70
N TYR A 193 -5.25 -7.60 7.96
CA TYR A 193 -4.55 -6.45 8.54
C TYR A 193 -3.55 -6.85 9.61
N ILE A 194 -2.58 -5.96 9.84
CA ILE A 194 -1.64 -6.10 10.95
C ILE A 194 -1.39 -4.74 11.59
N LEU A 195 -1.27 -4.73 12.91
CA LEU A 195 -0.82 -3.55 13.65
C LEU A 195 0.68 -3.71 13.85
N MET A 196 1.46 -2.78 13.31
CA MET A 196 2.91 -2.88 13.37
C MET A 196 3.46 -1.78 14.27
N ALA A 197 4.46 -2.11 15.08
CA ALA A 197 5.02 -1.16 16.05
C ALA A 197 5.43 0.16 15.42
N ARG A 198 5.00 1.25 16.06
CA ARG A 198 5.31 2.59 15.61
C ARG A 198 6.16 3.30 16.66
N ASN A 199 7.11 4.11 16.18
CA ASN A 199 8.04 4.84 17.06
C ASN A 199 8.90 3.88 17.87
N LYS A 200 9.16 2.72 17.30
CA LYS A 200 10.04 1.74 17.92
C LYS A 200 11.24 1.55 17.02
N ASN A 201 11.97 2.64 16.82
CA ASN A 201 13.19 2.66 16.03
C ASN A 201 12.97 2.12 14.62
N ASN A 202 11.89 2.60 14.00
CA ASN A 202 11.60 2.29 12.60
C ASN A 202 11.54 0.78 12.36
N ALA A 203 10.70 0.10 13.14
CA ALA A 203 10.61 -1.35 13.12
C ALA A 203 10.26 -1.88 11.72
N CYS A 204 11.04 -2.86 11.27
CA CYS A 204 10.87 -3.47 9.95
C CYS A 204 11.10 -2.53 8.77
N GLY A 205 11.68 -1.36 9.04
CA GLY A 205 12.00 -0.39 8.00
C GLY A 205 10.79 0.32 7.42
N ILE A 206 9.72 0.35 8.21
CA ILE A 206 8.43 0.86 7.73
C ILE A 206 8.47 2.29 7.17
N ALA A 207 9.37 3.13 7.66
CA ALA A 207 9.46 4.50 7.12
C ALA A 207 10.61 4.67 6.11
N ASN A 208 11.18 3.58 5.62
CA ASN A 208 12.34 3.68 4.73
C ASN A 208 12.02 3.90 3.25
N LEU A 209 10.86 3.43 2.81
CA LEU A 209 10.51 3.60 1.40
C LEU A 209 9.00 3.80 1.26
N ALA A 210 8.53 4.88 1.88
CA ALA A 210 7.12 5.22 1.90
C ALA A 210 6.83 6.32 0.89
N SER A 211 5.67 6.24 0.26
CA SER A 211 5.30 7.20 -0.77
C SER A 211 3.79 7.28 -0.94
N PHE A 212 3.32 8.37 -1.53
CA PHE A 212 1.91 8.52 -1.83
C PHE A 212 1.74 9.27 -3.14
N PRO A 213 0.65 8.98 -3.87
CA PRO A 213 0.39 9.64 -5.16
C PRO A 213 -0.30 10.99 -4.98
N LYS A 214 -0.03 11.90 -5.91
CA LYS A 214 -0.75 13.16 -5.99
C LYS A 214 -1.93 13.00 -6.93
N MET A 215 -3.02 13.70 -6.64
CA MET A 215 -4.20 13.58 -7.49
C MET A 215 -4.98 14.88 -7.54
#